data_6DTC
#
_entry.id   6DTC
#
_cell.length_a   77.680
_cell.length_b   77.680
_cell.length_c   120.921
_cell.angle_alpha   90.000
_cell.angle_beta   90.000
_cell.angle_gamma   120.000
#
_symmetry.space_group_name_H-M   'P 31 2 1'
#
loop_
_entity.id
_entity.type
_entity.pdbx_description
1 polymer 'Dihydrofolate reductase'
2 non-polymer 'NADP NICOTINAMIDE-ADENINE-DINUCLEOTIDE PHOSPHATE'
3 non-polymer (3R)-3-methyl-4-[3-(1H-tetrazol-5-yl)phenoxy]-2,3-dihydrofuro[2,3-f]quinazoline-7,9-diamine
4 non-polymer 'SULFATE ION'
5 water water
#
_entity_poly.entity_id   1
_entity_poly.type   'polypeptide(L)'
_entity_poly.pdbx_seq_one_letter_code
;MAPTNPLTLIVATTPIPTREKTLLGIGLNGTLPWPRIKADMSFFARVTTRPPRPGTTNAMIMGRKTYDSVPKSLRPLGKR
INVIVTRDVEGVSKRVAEELKEKRAKMAAAAAAATSAGENKEEGPITDAIVSSGLEAALEDVEEKFKGGLGSVFVIGGAE
IYATALGLGGDRPVRIVMTNVEKKGVDGEKAVFECDTFFPIDEELLMEKGWRKVSAEEVTEWVGEPVSGEWKDEGEVRIQ
MVGYERVNLEHHHHHH
;
_entity_poly.pdbx_strand_id   A
#
loop_
_chem_comp.id
_chem_comp.type
_chem_comp.name
_chem_comp.formula
H9G non-polymer (3R)-3-methyl-4-[3-(1H-tetrazol-5-yl)phenoxy]-2,3-dihydrofuro[2,3-f]quinazoline-7,9-diamine 'C18 H16 N8 O2'
NAP non-polymer 'NADP NICOTINAMIDE-ADENINE-DINUCLEOTIDE PHOSPHATE' 'C21 H28 N7 O17 P3'
SO4 non-polymer 'SULFATE ION' 'O4 S -2'
#
# COMPACT_ATOMS: atom_id res chain seq x y z
N PRO A 3 21.61 -4.06 12.02
CA PRO A 3 20.46 -3.15 12.01
C PRO A 3 19.26 -3.82 11.34
N THR A 4 18.06 -3.30 11.60
CA THR A 4 16.85 -4.04 11.25
C THR A 4 16.20 -3.42 10.00
N ASN A 5 15.56 -4.29 9.20
CA ASN A 5 15.03 -3.90 7.90
C ASN A 5 13.94 -2.84 8.06
N PRO A 6 13.82 -1.88 7.11
CA PRO A 6 12.89 -0.76 7.29
C PRO A 6 11.45 -1.22 7.06
N LEU A 7 10.50 -0.56 7.72
CA LEU A 7 9.10 -0.84 7.45
C LEU A 7 8.53 0.33 6.65
N THR A 8 7.89 0.02 5.52
CA THR A 8 7.39 1.09 4.67
C THR A 8 5.87 1.09 4.69
N LEU A 9 5.31 2.21 5.17
CA LEU A 9 3.88 2.53 5.00
C LEU A 9 3.69 3.20 3.65
N ILE A 10 2.76 2.67 2.86
CA ILE A 10 2.47 3.34 1.60
C ILE A 10 0.99 3.66 1.65
N VAL A 11 0.63 4.85 1.15
CA VAL A 11 -0.68 5.44 1.43
C VAL A 11 -0.92 6.57 0.44
N ALA A 12 -2.18 6.75 0.02
CA ALA A 12 -2.58 7.95 -0.71
C ALA A 12 -3.45 8.80 0.23
N THR A 13 -3.15 10.09 0.38
CA THR A 13 -3.96 10.93 1.28
C THR A 13 -4.49 12.17 0.58
N THR A 14 -5.59 12.73 1.12
CA THR A 14 -6.16 13.99 0.66
C THR A 14 -6.32 14.97 1.83
N PRO A 15 -5.82 16.23 1.76
CA PRO A 15 -5.89 17.10 2.94
C PRO A 15 -7.33 17.62 3.11
N ILE A 16 -7.79 17.58 4.35
CA ILE A 16 -9.09 18.10 4.72
C ILE A 16 -8.91 19.15 5.80
N PRO A 17 -8.90 20.46 5.47
CA PRO A 17 -8.78 21.49 6.51
C PRO A 17 -9.94 21.38 7.49
N THR A 18 -9.62 21.28 8.79
CA THR A 18 -10.66 21.45 9.80
C THR A 18 -10.29 22.65 10.68
N ARG A 19 -11.23 23.09 11.55
CA ARG A 19 -10.98 24.15 12.53
C ARG A 19 -9.62 23.96 13.20
N GLU A 20 -9.37 22.78 13.79
CA GLU A 20 -8.22 22.55 14.64
C GLU A 20 -6.94 22.19 13.85
N LYS A 21 -7.07 21.65 12.63
CA LYS A 21 -5.90 21.16 11.90
C LYS A 21 -6.31 20.45 10.62
N THR A 22 -5.35 20.31 9.69
CA THR A 22 -5.59 19.55 8.48
C THR A 22 -5.53 18.05 8.77
N LEU A 23 -6.61 17.34 8.45
CA LEU A 23 -6.64 15.88 8.52
C LEU A 23 -6.23 15.34 7.15
N LEU A 24 -5.79 14.07 7.11
CA LEU A 24 -5.38 13.43 5.87
C LEU A 24 -6.35 12.26 5.65
N GLY A 25 -7.27 12.45 4.70
CA GLY A 25 -8.33 11.48 4.48
C GLY A 25 -7.85 10.36 3.58
N ILE A 26 -8.24 9.12 3.90
CA ILE A 26 -7.80 8.00 3.09
C ILE A 26 -8.93 7.12 2.59
N GLY A 27 -10.15 7.20 3.19
CA GLY A 27 -11.22 6.28 2.85
C GLY A 27 -12.61 6.83 3.20
N LEU A 28 -13.62 6.38 2.44
CA LEU A 28 -15.04 6.62 2.71
C LEU A 28 -15.81 5.31 2.48
N ASN A 29 -16.64 4.85 3.43
CA ASN A 29 -17.62 3.78 3.11
C ASN A 29 -16.89 2.55 2.57
N GLY A 30 -15.69 2.28 3.10
CA GLY A 30 -14.98 1.04 2.83
C GLY A 30 -14.29 0.99 1.47
N THR A 31 -14.25 2.09 0.72
CA THR A 31 -13.38 2.22 -0.43
CA THR A 31 -13.32 2.19 -0.40
C THR A 31 -12.58 3.52 -0.30
N LEU A 32 -11.99 3.97 -1.43
CA LEU A 32 -11.20 5.19 -1.46
C LEU A 32 -12.14 6.37 -1.67
N PRO A 33 -11.75 7.60 -1.25
CA PRO A 33 -12.66 8.74 -1.30
C PRO A 33 -12.82 9.27 -2.70
N TRP A 34 -11.93 8.87 -3.61
CA TRP A 34 -11.93 9.58 -4.88
C TRP A 34 -12.20 8.56 -5.98
N PRO A 35 -12.66 9.03 -7.16
CA PRO A 35 -12.70 8.16 -8.33
C PRO A 35 -11.27 7.72 -8.64
N ARG A 36 -11.18 6.63 -9.42
CA ARG A 36 -9.94 5.94 -9.73
C ARG A 36 -8.88 6.94 -10.22
N ILE A 37 -7.73 7.00 -9.54
CA ILE A 37 -6.59 7.69 -10.13
C ILE A 37 -5.63 6.66 -10.72
N LYS A 38 -5.59 6.55 -12.05
CA LYS A 38 -4.76 5.56 -12.74
C LYS A 38 -3.28 5.62 -12.34
N ALA A 39 -2.69 6.83 -12.33
CA ALA A 39 -1.30 7.02 -11.95
C ALA A 39 -1.05 6.61 -10.49
N ASP A 40 -2.02 6.80 -9.58
CA ASP A 40 -1.73 6.34 -8.22
C ASP A 40 -1.72 4.81 -8.15
N MET A 41 -2.70 4.17 -8.80
CA MET A 41 -2.82 2.72 -8.76
C MET A 41 -1.63 2.02 -9.42
N SER A 42 -1.14 2.56 -10.54
CA SER A 42 0.00 1.95 -11.21
C SER A 42 1.27 2.15 -10.37
N PHE A 43 1.39 3.31 -9.71
CA PHE A 43 2.55 3.57 -8.88
C PHE A 43 2.50 2.61 -7.70
N PHE A 44 1.30 2.47 -7.15
CA PHE A 44 1.11 1.56 -6.04
C PHE A 44 1.45 0.13 -6.47
N ALA A 45 1.00 -0.25 -7.67
CA ALA A 45 1.20 -1.63 -8.16
C ALA A 45 2.70 -1.88 -8.43
N ARG A 46 3.33 -0.97 -9.16
CA ARG A 46 4.75 -1.11 -9.51
C ARG A 46 5.61 -1.16 -8.26
N VAL A 47 5.38 -0.20 -7.35
CA VAL A 47 6.22 -0.09 -6.18
C VAL A 47 6.11 -1.28 -5.23
N THR A 48 4.88 -1.75 -4.99
CA THR A 48 4.71 -2.84 -4.04
C THR A 48 5.11 -4.17 -4.68
N THR A 49 5.12 -4.27 -6.01
CA THR A 49 5.48 -5.52 -6.68
C THR A 49 7.01 -5.65 -6.85
N ARG A 50 7.68 -4.54 -7.12
CA ARG A 50 9.07 -4.53 -7.55
C ARG A 50 9.98 -5.15 -6.47
N PRO A 51 10.61 -6.32 -6.73
CA PRO A 51 11.49 -6.98 -5.74
C PRO A 51 12.79 -6.23 -5.54
N PRO A 52 13.32 -6.17 -4.30
CA PRO A 52 14.58 -5.45 -4.05
C PRO A 52 15.83 -6.19 -4.53
N ARG A 53 15.71 -7.50 -4.80
CA ARG A 53 16.77 -8.26 -5.45
C ARG A 53 16.16 -9.47 -6.17
N PRO A 54 16.86 -10.11 -7.12
CA PRO A 54 16.27 -11.18 -7.93
C PRO A 54 15.81 -12.35 -7.09
N GLY A 55 14.72 -12.97 -7.53
CA GLY A 55 14.16 -14.15 -6.88
C GLY A 55 13.52 -13.89 -5.52
N THR A 56 13.11 -12.65 -5.23
CA THR A 56 12.38 -12.36 -4.01
C THR A 56 10.96 -11.86 -4.35
N THR A 57 10.09 -11.89 -3.34
CA THR A 57 8.70 -11.48 -3.47
C THR A 57 8.36 -10.53 -2.33
N ASN A 58 7.77 -9.36 -2.63
CA ASN A 58 7.48 -8.40 -1.58
C ASN A 58 6.20 -8.85 -0.86
N ALA A 59 6.08 -8.55 0.45
CA ALA A 59 4.82 -8.74 1.16
C ALA A 59 4.09 -7.38 1.36
N MET A 60 2.75 -7.39 1.22
CA MET A 60 1.87 -6.30 1.67
C MET A 60 1.11 -6.74 2.92
N ILE A 61 1.27 -6.00 4.03
CA ILE A 61 0.48 -6.32 5.20
C ILE A 61 -0.67 -5.30 5.29
N MET A 62 -1.89 -5.82 5.50
CA MET A 62 -3.11 -5.01 5.38
C MET A 62 -4.18 -5.48 6.37
N GLY A 63 -4.92 -4.53 6.96
CA GLY A 63 -6.12 -4.89 7.72
C GLY A 63 -7.17 -5.59 6.86
N ARG A 64 -8.04 -6.35 7.51
CA ARG A 64 -9.07 -7.14 6.86
C ARG A 64 -10.01 -6.26 6.02
N LYS A 65 -10.31 -5.03 6.49
CA LYS A 65 -11.29 -4.24 5.75
C LYS A 65 -10.66 -3.78 4.43
N THR A 66 -9.36 -3.48 4.50
CA THR A 66 -8.65 -3.07 3.31
C THR A 66 -8.57 -4.25 2.35
N TYR A 67 -8.35 -5.44 2.93
CA TYR A 67 -8.43 -6.61 2.06
C TYR A 67 -9.79 -6.62 1.34
N ASP A 68 -10.89 -6.50 2.09
CA ASP A 68 -12.24 -6.44 1.52
C ASP A 68 -12.43 -5.28 0.54
N SER A 69 -11.63 -4.20 0.65
CA SER A 69 -11.87 -3.04 -0.18
C SER A 69 -11.54 -3.29 -1.65
N VAL A 70 -10.69 -4.28 -1.92
CA VAL A 70 -10.36 -4.62 -3.31
C VAL A 70 -11.48 -5.48 -3.88
N PRO A 71 -11.96 -5.26 -5.13
CA PRO A 71 -13.00 -6.14 -5.70
C PRO A 71 -12.51 -7.59 -5.68
N LYS A 72 -13.43 -8.53 -5.42
CA LYS A 72 -13.10 -9.88 -4.99
C LYS A 72 -12.31 -10.60 -6.08
N SER A 73 -12.62 -10.29 -7.34
CA SER A 73 -12.04 -11.02 -8.46
C SER A 73 -10.59 -10.61 -8.63
N LEU A 74 -10.21 -9.50 -7.99
CA LEU A 74 -8.88 -8.93 -8.16
C LEU A 74 -8.00 -9.22 -6.95
N ARG A 75 -8.54 -9.91 -5.95
CA ARG A 75 -7.74 -10.27 -4.79
C ARG A 75 -7.65 -11.79 -4.66
N PRO A 76 -6.63 -12.32 -3.95
CA PRO A 76 -5.51 -11.56 -3.39
C PRO A 76 -4.69 -10.90 -4.50
N LEU A 77 -4.13 -9.73 -4.21
CA LEU A 77 -3.44 -8.97 -5.25
C LEU A 77 -2.21 -9.75 -5.74
N GLY A 78 -2.04 -9.81 -7.08
CA GLY A 78 -1.10 -10.69 -7.73
C GLY A 78 0.34 -10.23 -7.57
N LYS A 79 1.24 -11.22 -7.53
CA LYS A 79 2.68 -11.02 -7.60
C LYS A 79 3.24 -10.42 -6.32
N ARG A 80 2.46 -10.53 -5.25
CA ARG A 80 2.92 -10.14 -3.93
C ARG A 80 2.40 -11.19 -2.97
N ILE A 81 3.00 -11.26 -1.79
CA ILE A 81 2.40 -12.02 -0.71
C ILE A 81 1.47 -11.06 0.03
N ASN A 82 0.19 -11.44 0.13
CA ASN A 82 -0.82 -10.68 0.84
C ASN A 82 -0.95 -11.20 2.27
N VAL A 83 -0.70 -10.32 3.25
CA VAL A 83 -0.85 -10.72 4.64
C VAL A 83 -2.06 -10.01 5.25
N ILE A 84 -3.11 -10.76 5.62
CA ILE A 84 -4.36 -10.14 6.05
C ILE A 84 -4.45 -10.21 7.57
N VAL A 85 -4.51 -9.05 8.25
CA VAL A 85 -4.54 -8.99 9.72
C VAL A 85 -5.98 -8.89 10.22
N THR A 86 -6.34 -9.76 11.19
CA THR A 86 -7.70 -9.98 11.60
C THR A 86 -7.77 -10.48 13.05
N ARG A 87 -8.98 -10.44 13.61
CA ARG A 87 -9.22 -11.02 14.93
C ARG A 87 -9.95 -12.35 14.78
N ASP A 88 -10.33 -12.72 13.54
CA ASP A 88 -11.00 -13.97 13.28
C ASP A 88 -10.17 -14.82 12.29
N VAL A 89 -9.00 -15.29 12.76
CA VAL A 89 -8.03 -15.95 11.87
C VAL A 89 -8.74 -17.13 11.23
N GLU A 90 -9.45 -17.87 12.09
CA GLU A 90 -10.08 -19.12 11.70
C GLU A 90 -11.04 -18.90 10.52
N GLY A 91 -11.96 -17.94 10.66
CA GLY A 91 -12.98 -17.72 9.65
C GLY A 91 -12.46 -17.03 8.39
N VAL A 92 -11.57 -16.04 8.57
CA VAL A 92 -11.02 -15.34 7.41
C VAL A 92 -10.06 -16.24 6.60
N SER A 93 -9.25 -17.05 7.29
CA SER A 93 -8.42 -18.06 6.58
C SER A 93 -9.22 -18.82 5.54
N LYS A 94 -10.41 -19.35 5.93
CA LYS A 94 -11.12 -20.25 5.04
C LYS A 94 -11.49 -19.49 3.77
N ARG A 95 -11.88 -18.23 3.95
CA ARG A 95 -12.34 -17.45 2.82
C ARG A 95 -11.13 -16.98 1.99
N VAL A 96 -10.02 -16.64 2.65
CA VAL A 96 -8.84 -16.21 1.90
C VAL A 96 -8.35 -17.37 1.03
N ALA A 97 -8.26 -18.57 1.64
CA ALA A 97 -7.87 -19.79 0.93
C ALA A 97 -8.72 -19.92 -0.32
N GLU A 98 -10.03 -19.71 -0.14
CA GLU A 98 -10.96 -19.86 -1.24
C GLU A 98 -10.64 -18.86 -2.34
N GLU A 99 -10.37 -17.60 -1.98
CA GLU A 99 -10.15 -16.57 -2.99
C GLU A 99 -8.78 -16.74 -3.65
N LEU A 100 -7.80 -17.14 -2.85
CA LEU A 100 -6.49 -17.47 -3.41
C LEU A 100 -6.60 -18.52 -4.52
N LYS A 101 -7.35 -19.60 -4.26
CA LYS A 101 -7.45 -20.70 -5.20
C LYS A 101 -8.12 -20.24 -6.50
N GLU A 102 -9.12 -19.37 -6.37
CA GLU A 102 -9.72 -18.78 -7.55
C GLU A 102 -8.70 -17.87 -8.25
N LYS A 103 -7.97 -17.09 -7.45
CA LYS A 103 -6.91 -16.26 -8.06
C LYS A 103 -5.92 -17.15 -8.81
N ARG A 104 -5.58 -18.30 -8.20
CA ARG A 104 -4.63 -19.20 -8.85
C ARG A 104 -5.12 -19.65 -10.22
N ALA A 105 -6.41 -20.02 -10.29
CA ALA A 105 -7.04 -20.48 -11.52
C ALA A 105 -6.93 -19.45 -12.62
N LYS A 106 -7.25 -18.20 -12.30
CA LYS A 106 -7.13 -17.13 -13.29
C LYS A 106 -5.68 -17.02 -13.77
N MET A 107 -4.74 -16.92 -12.83
CA MET A 107 -3.34 -16.72 -13.20
C MET A 107 -2.82 -17.86 -14.08
N ALA A 108 -3.17 -19.11 -13.75
CA ALA A 108 -2.77 -20.29 -14.53
C ALA A 108 -3.29 -20.23 -15.97
N ALA A 109 -4.58 -19.90 -16.14
CA ALA A 109 -5.17 -19.87 -17.47
C ALA A 109 -4.45 -18.83 -18.31
N ALA A 110 -4.08 -17.72 -17.66
CA ALA A 110 -3.40 -16.60 -18.30
C ALA A 110 -1.99 -17.04 -18.72
N ALA A 111 -1.29 -17.76 -17.83
CA ALA A 111 0.06 -18.21 -18.14
C ALA A 111 0.07 -19.16 -19.34
N ALA A 112 -0.82 -20.17 -19.31
CA ALA A 112 -1.04 -21.07 -20.44
C ALA A 112 -1.33 -20.29 -21.72
N ALA A 113 -2.14 -19.22 -21.62
CA ALA A 113 -2.54 -18.49 -22.81
C ALA A 113 -1.36 -17.68 -23.34
N ALA A 114 -0.65 -16.99 -22.44
CA ALA A 114 0.55 -16.25 -22.81
C ALA A 114 1.59 -17.16 -23.49
N THR A 115 1.81 -18.38 -22.95
CA THR A 115 2.75 -19.32 -23.56
C THR A 115 2.26 -19.69 -24.95
N SER A 116 0.98 -20.05 -25.04
CA SER A 116 0.31 -20.39 -26.28
C SER A 116 0.40 -19.25 -27.29
N ALA A 117 0.63 -18.03 -26.79
CA ALA A 117 0.70 -16.83 -27.61
C ALA A 117 2.15 -16.51 -27.99
N GLY A 118 3.09 -17.33 -27.53
CA GLY A 118 4.50 -17.17 -27.86
C GLY A 118 5.17 -16.06 -27.07
N GLU A 119 4.61 -15.69 -25.90
CA GLU A 119 5.19 -14.65 -25.07
C GLU A 119 6.37 -15.18 -24.27
N ASN A 120 7.47 -14.41 -24.29
CA ASN A 120 8.74 -14.74 -23.66
C ASN A 120 8.58 -14.73 -22.14
N LYS A 121 8.45 -15.94 -21.54
CA LYS A 121 8.22 -16.08 -20.11
C LYS A 121 9.52 -15.88 -19.36
N GLU A 122 9.42 -15.26 -18.17
CA GLU A 122 10.58 -15.10 -17.31
C GLU A 122 10.18 -15.26 -15.85
N GLU A 123 11.20 -15.45 -15.01
CA GLU A 123 11.08 -15.44 -13.56
C GLU A 123 10.34 -14.18 -13.11
N GLY A 124 9.72 -14.26 -11.93
CA GLY A 124 8.97 -13.16 -11.38
C GLY A 124 8.43 -13.53 -10.00
N PRO A 125 7.98 -12.54 -9.21
CA PRO A 125 7.58 -12.79 -7.82
C PRO A 125 6.32 -13.66 -7.79
N ILE A 126 6.08 -14.36 -6.68
CA ILE A 126 4.96 -15.30 -6.62
C ILE A 126 3.72 -14.59 -6.04
N THR A 127 2.56 -15.26 -6.03
CA THR A 127 1.33 -14.75 -5.42
C THR A 127 0.96 -15.64 -4.25
N ASP A 128 0.78 -15.06 -3.07
CA ASP A 128 0.33 -15.83 -1.92
C ASP A 128 -0.64 -14.98 -1.09
N ALA A 129 -1.33 -15.60 -0.14
CA ALA A 129 -2.13 -14.88 0.83
C ALA A 129 -2.13 -15.72 2.09
N ILE A 130 -1.80 -15.08 3.21
CA ILE A 130 -1.84 -15.73 4.50
C ILE A 130 -2.50 -14.76 5.46
N VAL A 131 -3.00 -15.31 6.58
CA VAL A 131 -3.83 -14.59 7.54
C VAL A 131 -3.18 -14.70 8.90
N SER A 132 -2.93 -13.55 9.55
CA SER A 132 -2.31 -13.49 10.86
C SER A 132 -3.22 -12.72 11.80
N SER A 133 -2.89 -12.77 13.11
CA SER A 133 -3.76 -12.32 14.17
C SER A 133 -3.34 -10.93 14.64
N GLY A 134 -2.28 -10.39 14.02
CA GLY A 134 -1.75 -9.09 14.34
C GLY A 134 -0.60 -8.71 13.40
N LEU A 135 -0.14 -7.45 13.52
CA LEU A 135 0.86 -6.89 12.62
C LEU A 135 2.23 -7.48 12.97
N GLU A 136 2.54 -7.55 14.27
CA GLU A 136 3.75 -8.22 14.73
C GLU A 136 3.71 -9.67 14.26
N ALA A 137 2.58 -10.36 14.52
CA ALA A 137 2.39 -11.73 14.08
C ALA A 137 2.60 -11.87 12.57
N ALA A 138 2.08 -10.90 11.79
CA ALA A 138 2.22 -10.96 10.33
C ALA A 138 3.68 -10.80 9.89
N LEU A 139 4.43 -9.92 10.57
CA LEU A 139 5.83 -9.73 10.24
C LEU A 139 6.60 -11.03 10.49
N GLU A 140 6.38 -11.60 11.68
CA GLU A 140 6.94 -12.89 12.04
C GLU A 140 6.53 -13.96 11.03
N ASP A 141 5.21 -14.12 10.82
CA ASP A 141 4.67 -15.17 9.97
C ASP A 141 5.34 -15.11 8.60
N VAL A 142 5.36 -13.92 7.99
CA VAL A 142 5.83 -13.82 6.61
C VAL A 142 7.34 -14.13 6.56
N GLU A 143 8.06 -13.70 7.58
CA GLU A 143 9.49 -13.91 7.69
C GLU A 143 9.80 -15.41 7.82
N GLU A 144 9.06 -16.10 8.69
CA GLU A 144 9.21 -17.53 8.89
C GLU A 144 8.79 -18.30 7.64
N LYS A 145 7.73 -17.86 6.96
CA LYS A 145 7.31 -18.65 5.82
C LYS A 145 8.28 -18.49 4.63
N PHE A 146 8.85 -17.29 4.41
CA PHE A 146 9.50 -17.07 3.14
C PHE A 146 11.02 -16.93 3.26
N LYS A 147 11.50 -16.58 4.45
CA LYS A 147 12.94 -16.58 4.73
C LYS A 147 13.68 -15.60 3.82
N GLY A 148 14.48 -16.14 2.88
CA GLY A 148 15.38 -15.36 2.05
C GLY A 148 14.77 -15.03 0.68
N GLY A 149 13.67 -15.73 0.34
CA GLY A 149 12.82 -15.33 -0.77
C GLY A 149 11.90 -14.13 -0.44
N LEU A 150 11.88 -13.67 0.82
CA LEU A 150 11.10 -12.48 1.19
C LEU A 150 11.83 -11.25 0.69
N GLY A 151 11.14 -10.45 -0.16
CA GLY A 151 11.60 -9.14 -0.60
C GLY A 151 11.27 -8.02 0.40
N SER A 152 10.69 -6.89 -0.08
CA SER A 152 10.42 -5.83 0.88
C SER A 152 9.06 -6.02 1.52
N VAL A 153 8.87 -5.42 2.69
CA VAL A 153 7.58 -5.46 3.37
C VAL A 153 6.97 -4.06 3.38
N PHE A 154 5.72 -3.98 2.91
CA PHE A 154 4.92 -2.77 2.91
C PHE A 154 3.74 -2.94 3.86
N VAL A 155 3.45 -1.91 4.66
CA VAL A 155 2.17 -1.80 5.34
C VAL A 155 1.22 -0.94 4.50
N ILE A 156 0.15 -1.54 3.96
CA ILE A 156 -0.63 -0.88 2.91
C ILE A 156 -1.99 -0.38 3.46
N GLY A 157 -2.17 -0.43 4.79
CA GLY A 157 -3.36 0.17 5.39
C GLY A 157 -4.33 -0.87 5.95
N GLY A 158 -5.49 -0.44 6.50
CA GLY A 158 -5.95 0.94 6.59
C GLY A 158 -5.51 1.61 7.88
N ALA A 159 -6.37 2.50 8.41
CA ALA A 159 -6.00 3.33 9.55
C ALA A 159 -5.63 2.49 10.76
N GLU A 160 -6.31 1.39 11.03
CA GLU A 160 -5.99 0.65 12.25
C GLU A 160 -4.60 0.01 12.16
N ILE A 161 -4.30 -0.60 11.02
CA ILE A 161 -3.01 -1.24 10.86
C ILE A 161 -1.88 -0.21 10.76
N TYR A 162 -2.08 0.88 10.04
CA TYR A 162 -1.12 1.98 10.04
C TYR A 162 -0.84 2.44 11.47
N ALA A 163 -1.91 2.60 12.26
CA ALA A 163 -1.76 3.14 13.59
C ALA A 163 -0.92 2.15 14.38
N THR A 164 -1.20 0.86 14.19
CA THR A 164 -0.40 -0.19 14.83
C THR A 164 1.05 -0.11 14.36
N ALA A 165 1.27 0.10 13.05
CA ALA A 165 2.63 0.15 12.54
C ALA A 165 3.41 1.26 13.23
N LEU A 166 2.80 2.44 13.37
CA LEU A 166 3.49 3.59 13.90
C LEU A 166 3.78 3.45 15.39
N GLY A 167 3.04 2.54 16.07
CA GLY A 167 3.21 2.40 17.51
C GLY A 167 4.18 1.28 17.89
N LEU A 168 4.69 0.54 16.89
CA LEU A 168 5.67 -0.51 17.11
C LEU A 168 6.87 0.05 17.85
N GLY A 169 7.37 -0.74 18.82
CA GLY A 169 8.57 -0.39 19.55
C GLY A 169 9.80 -0.49 18.66
N GLY A 170 10.45 0.66 18.45
CA GLY A 170 11.70 0.71 17.70
C GLY A 170 12.59 -0.48 18.01
N ARG A 172 14.37 0.73 14.70
CA ARG A 172 13.85 0.20 13.44
C ARG A 172 13.23 1.31 12.62
N PRO A 173 13.69 1.50 11.35
CA PRO A 173 13.18 2.57 10.48
C PRO A 173 11.74 2.36 9.97
N VAL A 174 10.92 3.41 10.13
CA VAL A 174 9.65 3.46 9.45
C VAL A 174 9.65 4.65 8.49
N ARG A 175 9.19 4.36 7.28
CA ARG A 175 9.17 5.40 6.29
C ARG A 175 7.74 5.38 5.76
N ILE A 176 7.28 6.55 5.31
CA ILE A 176 5.98 6.67 4.65
C ILE A 176 6.18 7.15 3.22
N VAL A 177 5.72 6.35 2.27
CA VAL A 177 5.64 6.81 0.90
C VAL A 177 4.20 7.28 0.73
N MET A 178 4.01 8.59 0.44
CA MET A 178 2.63 9.10 0.48
C MET A 178 2.30 9.72 -0.87
N THR A 179 1.15 9.35 -1.46
CA THR A 179 0.69 10.13 -2.59
C THR A 179 -0.29 11.17 -2.05
N ASN A 180 0.01 12.46 -2.28
CA ASN A 180 -0.93 13.52 -1.90
C ASN A 180 -1.90 13.76 -3.06
N VAL A 181 -3.20 13.86 -2.75
CA VAL A 181 -4.30 13.97 -3.72
C VAL A 181 -5.14 15.21 -3.42
N GLU A 182 -5.36 16.10 -4.41
CA GLU A 182 -6.02 17.39 -4.21
C GLU A 182 -6.92 17.65 -5.40
N LYS A 183 -8.19 18.06 -5.16
CA LYS A 183 -9.03 18.53 -6.28
C LYS A 183 -8.41 19.78 -6.89
N LYS A 184 -8.51 19.90 -8.23
CA LYS A 184 -8.17 21.11 -8.95
C LYS A 184 -9.20 22.17 -8.55
N GLY A 185 -8.71 23.40 -8.32
CA GLY A 185 -9.55 24.53 -7.94
C GLY A 185 -10.62 24.82 -8.99
N VAL A 186 -11.80 25.26 -8.51
CA VAL A 186 -12.88 25.77 -9.34
C VAL A 186 -13.09 27.21 -8.88
N ASP A 187 -13.02 28.14 -9.85
CA ASP A 187 -13.00 29.57 -9.55
C ASP A 187 -11.94 29.83 -8.47
N GLY A 188 -10.77 29.19 -8.63
CA GLY A 188 -9.67 29.29 -7.67
C GLY A 188 -10.06 29.08 -6.21
N GLU A 189 -10.95 28.12 -5.93
CA GLU A 189 -11.07 27.55 -4.60
C GLU A 189 -11.04 26.03 -4.72
N LYS A 190 -10.40 25.35 -3.76
CA LYS A 190 -10.22 23.91 -3.86
C LYS A 190 -11.22 23.20 -2.96
N ALA A 191 -12.14 22.41 -3.53
CA ALA A 191 -13.08 21.61 -2.75
C ALA A 191 -12.36 20.44 -2.06
N VAL A 192 -13.06 19.78 -1.12
CA VAL A 192 -12.46 18.75 -0.28
C VAL A 192 -13.24 17.44 -0.48
N PHE A 193 -12.56 16.29 -0.33
CA PHE A 193 -13.18 14.96 -0.39
C PHE A 193 -13.75 14.61 0.98
N GLU A 194 -15.02 14.17 0.99
CA GLU A 194 -15.60 13.52 2.15
C GLU A 194 -14.88 12.21 2.40
N CYS A 195 -14.43 12.00 3.64
CA CYS A 195 -13.74 10.80 4.11
C CYS A 195 -14.26 10.43 5.49
N ASP A 196 -14.42 9.13 5.78
CA ASP A 196 -14.70 8.73 7.15
C ASP A 196 -13.50 8.02 7.76
N THR A 197 -12.42 7.87 6.97
CA THR A 197 -11.19 7.27 7.47
C THR A 197 -10.01 8.17 7.18
N PHE A 198 -9.11 8.29 8.17
CA PHE A 198 -8.01 9.24 8.16
C PHE A 198 -6.69 8.55 8.51
N PHE A 199 -5.58 9.05 7.95
CA PHE A 199 -4.26 8.60 8.34
C PHE A 199 -4.10 8.91 9.83
N PRO A 200 -3.51 8.04 10.68
CA PRO A 200 -3.54 8.25 12.12
C PRO A 200 -2.69 9.42 12.61
N ILE A 201 -1.82 9.96 11.74
CA ILE A 201 -1.09 11.18 12.02
C ILE A 201 -1.25 12.10 10.82
N ASP A 202 -0.94 13.39 11.02
CA ASP A 202 -1.18 14.42 10.03
C ASP A 202 -0.21 15.58 10.23
N GLU A 203 -0.39 16.30 11.35
CA GLU A 203 0.34 17.51 11.67
C GLU A 203 1.83 17.21 11.85
N GLU A 204 2.14 16.14 12.62
CA GLU A 204 3.53 15.76 12.81
C GLU A 204 4.28 15.54 11.49
N LEU A 205 3.56 15.18 10.41
CA LEU A 205 4.18 15.07 9.09
C LEU A 205 4.26 16.44 8.41
N LEU A 206 3.14 17.16 8.35
CA LEU A 206 3.14 18.41 7.61
C LEU A 206 4.10 19.43 8.27
N MET A 207 4.21 19.41 9.61
CA MET A 207 5.11 20.32 10.30
C MET A 207 6.44 19.65 10.66
N GLU A 208 6.69 18.44 10.15
CA GLU A 208 7.95 17.73 10.37
C GLU A 208 8.37 17.81 11.84
N LYS A 209 7.62 17.14 12.70
CA LYS A 209 7.82 17.14 14.14
C LYS A 209 8.02 15.69 14.54
N GLY A 210 9.29 15.25 14.61
CA GLY A 210 9.55 13.83 14.82
C GLY A 210 9.61 13.08 13.48
N TRP A 211 9.43 13.81 12.38
CA TRP A 211 9.46 13.25 11.04
C TRP A 211 10.23 14.20 10.16
N ARG A 212 10.98 13.65 9.18
CA ARG A 212 11.64 14.49 8.19
C ARG A 212 11.04 14.17 6.84
N LYS A 213 10.66 15.20 6.11
CA LYS A 213 10.32 14.96 4.72
C LYS A 213 11.62 14.76 3.94
N VAL A 214 11.71 13.70 3.13
CA VAL A 214 12.98 13.38 2.51
C VAL A 214 13.00 13.94 1.10
N SER A 215 14.19 13.97 0.48
CA SER A 215 14.37 14.39 -0.90
C SER A 215 13.70 13.42 -1.87
N ALA A 216 13.30 13.94 -3.03
CA ALA A 216 12.81 13.14 -4.15
C ALA A 216 13.81 12.02 -4.48
N GLU A 217 15.10 12.36 -4.40
CA GLU A 217 16.16 11.40 -4.60
C GLU A 217 16.04 10.29 -3.55
N GLU A 218 15.74 10.66 -2.30
CA GLU A 218 15.62 9.61 -1.30
C GLU A 218 14.44 8.68 -1.60
N VAL A 219 13.31 9.26 -2.05
CA VAL A 219 12.12 8.45 -2.25
C VAL A 219 12.37 7.55 -3.43
N THR A 220 13.01 8.15 -4.45
CA THR A 220 13.35 7.37 -5.65
C THR A 220 14.11 6.12 -5.21
N GLU A 221 14.98 6.26 -4.20
CA GLU A 221 15.78 5.13 -3.77
C GLU A 221 14.91 4.13 -3.04
N TRP A 222 14.02 4.62 -2.16
CA TRP A 222 13.07 3.74 -1.49
C TRP A 222 12.29 2.91 -2.49
N VAL A 223 11.77 3.50 -3.55
CA VAL A 223 10.68 2.80 -4.23
C VAL A 223 11.18 2.14 -5.51
N GLY A 224 12.40 2.50 -5.97
CA GLY A 224 13.08 1.86 -7.09
C GLY A 224 12.61 2.35 -8.46
N GLU A 225 12.05 3.56 -8.51
CA GLU A 225 11.68 4.21 -9.76
C GLU A 225 11.77 5.72 -9.52
N PRO A 226 11.98 6.53 -10.59
CA PRO A 226 12.14 7.98 -10.45
C PRO A 226 10.90 8.65 -9.86
N VAL A 227 11.08 9.40 -8.77
CA VAL A 227 9.99 10.18 -8.18
C VAL A 227 10.47 11.62 -8.18
N SER A 228 9.72 12.52 -8.82
CA SER A 228 10.10 13.92 -8.90
C SER A 228 9.60 14.71 -7.70
N GLY A 229 8.53 14.22 -7.05
CA GLY A 229 7.84 15.01 -6.04
C GLY A 229 7.15 16.29 -6.57
N GLU A 230 7.01 16.44 -7.89
CA GLU A 230 6.24 17.49 -8.54
C GLU A 230 4.77 17.10 -8.56
N TRP A 231 3.87 18.11 -8.56
CA TRP A 231 2.45 17.92 -8.84
C TRP A 231 2.27 17.54 -10.29
N LYS A 232 1.34 16.61 -10.55
CA LYS A 232 1.01 16.06 -11.86
C LYS A 232 -0.52 16.06 -11.98
N ASP A 233 -1.05 16.50 -13.14
CA ASP A 233 -2.49 16.64 -13.33
C ASP A 233 -3.07 15.28 -13.69
N GLU A 234 -4.13 14.88 -13.00
CA GLU A 234 -4.81 13.63 -13.33
C GLU A 234 -6.31 13.90 -13.34
N GLY A 235 -6.82 14.48 -14.44
CA GLY A 235 -8.24 14.80 -14.58
C GLY A 235 -8.62 15.93 -13.63
N GLU A 236 -9.47 15.63 -12.65
CA GLU A 236 -10.00 16.64 -11.75
C GLU A 236 -9.20 16.70 -10.45
N VAL A 237 -8.18 15.83 -10.33
CA VAL A 237 -7.22 15.89 -9.23
C VAL A 237 -5.82 16.17 -9.78
N ARG A 238 -4.95 16.63 -8.88
CA ARG A 238 -3.50 16.65 -9.07
C ARG A 238 -2.90 15.81 -7.95
N ILE A 239 -1.76 15.14 -8.22
CA ILE A 239 -1.14 14.19 -7.29
C ILE A 239 0.37 14.42 -7.26
N GLN A 240 0.99 14.15 -6.12
CA GLN A 240 2.44 14.10 -6.03
C GLN A 240 2.85 13.05 -5.01
N MET A 241 4.09 12.57 -5.15
CA MET A 241 4.60 11.50 -4.29
C MET A 241 5.75 12.03 -3.46
N VAL A 242 5.67 11.78 -2.16
CA VAL A 242 6.68 12.29 -1.25
C VAL A 242 6.99 11.18 -0.26
N GLY A 243 8.06 11.35 0.52
CA GLY A 243 8.36 10.42 1.59
C GLY A 243 8.71 11.10 2.90
N TYR A 244 8.44 10.43 4.01
CA TYR A 244 8.74 10.92 5.34
C TYR A 244 9.45 9.82 6.11
N GLU A 245 10.53 10.15 6.80
CA GLU A 245 11.13 9.14 7.67
C GLU A 245 11.02 9.65 9.09
N ARG A 246 10.84 8.74 10.06
CA ARG A 246 10.83 9.12 11.46
C ARG A 246 12.24 9.55 11.88
N VAL A 247 12.31 10.56 12.77
CA VAL A 247 13.51 11.16 13.32
C VAL A 247 13.45 11.00 14.84
PA NAP B . -8.31 -1.54 8.35
O1A NAP B . -7.31 -1.01 9.32
O2A NAP B . -8.03 -1.86 6.91
O5B NAP B . -8.92 -2.92 8.91
C5B NAP B . -9.45 -3.00 10.27
C4B NAP B . -9.67 -4.48 10.54
O4B NAP B . -8.39 -5.18 10.55
C3B NAP B . -10.29 -4.82 11.89
O3B NAP B . -11.69 -4.85 11.74
C2B NAP B . -9.76 -6.24 12.10
O2B NAP B . -10.41 -7.11 11.19
C1B NAP B . -8.32 -6.13 11.62
N9A NAP B . -7.52 -5.60 12.74
C8A NAP B . -7.34 -4.29 12.98
N7A NAP B . -6.61 -4.09 14.10
C5A NAP B . -6.29 -5.32 14.57
C6A NAP B . -5.54 -5.84 15.72
N6A NAP B . -4.96 -4.96 16.54
N1A NAP B . -5.42 -7.17 15.92
C2A NAP B . -6.03 -8.01 15.05
N3A NAP B . -6.76 -7.61 13.99
C4A NAP B . -6.90 -6.30 13.69
O3 NAP B . -9.72 -0.68 8.26
PN NAP B . -9.92 0.90 8.33
O1N NAP B . -8.93 1.39 9.31
O2N NAP B . -11.42 1.07 8.48
O5D NAP B . -9.48 1.26 6.82
C5D NAP B . -10.21 0.72 5.79
C4D NAP B . -10.50 1.93 4.94
O4D NAP B . -9.31 2.67 4.63
C3D NAP B . -11.15 1.63 3.61
O3D NAP B . -11.98 2.78 3.38
C2D NAP B . -10.02 1.66 2.63
O2D NAP B . -10.50 1.96 1.38
C1D NAP B . -9.16 2.77 3.19
N1N NAP B . -7.74 2.60 2.79
C2N NAP B . -7.16 3.61 2.08
C3N NAP B . -5.82 3.54 1.64
C7N NAP B . -5.19 4.72 0.91
O7N NAP B . -4.01 4.71 0.58
N7N NAP B . -5.96 5.79 0.67
C4N NAP B . -5.10 2.37 1.92
C5N NAP B . -5.75 1.36 2.63
C6N NAP B . -7.08 1.47 3.03
P2B NAP B . -11.59 -8.14 11.66
O1X NAP B . -11.69 -9.10 10.51
O2X NAP B . -11.07 -8.53 13.01
O3X NAP B . -12.79 -7.19 11.61
C14 H9G C . -6.35 -0.17 -5.10
C15 H9G C . -7.59 -0.68 -5.49
C11 H9G C . -2.02 2.61 -1.13
N10 H9G C . -1.23 3.65 -1.52
C6 H9G C . -3.87 1.13 -1.55
C5 H9G C . -3.06 2.22 -1.92
C4 H9G C . -3.31 2.89 -3.12
C2 H9G C . -5.21 1.39 -3.55
O1 H9G C . -6.27 1.00 -4.34
C3 H9G C . -4.41 2.48 -3.96
C7 H9G C . -4.93 0.74 -2.35
N8 H9G C . -2.51 3.94 -3.47
C9 H9G C . -1.49 4.25 -2.69
N12 H9G C . -1.79 1.90 0.10
N13 H9G C . -0.68 5.35 -3.15
C16 H9G C . -7.67 -1.84 -6.30
C17 H9G C . -6.50 -2.49 -6.75
C18 H9G C . -5.25 -1.97 -6.35
C19 H9G C . -5.19 -0.82 -5.53
C20 H9G C . -3.96 -2.63 -6.80
N21 H9G C . -2.95 -3.09 -6.00
N22 H9G C . -1.93 -3.65 -6.77
N23 H9G C . -2.33 -3.51 -8.08
N24 H9G C . -3.58 -2.87 -8.09
O25 H9G C . -3.80 0.36 -0.40
C26 H9G C . -5.00 -0.46 -0.34
C27 H9G C . -5.65 -0.37 -1.70
C28 H9G C . -5.27 -1.66 -2.40
S SO4 D . -0.25 -6.55 16.95
O1 SO4 D . -1.01 -6.08 15.76
O2 SO4 D . 1.20 -6.56 16.62
O3 SO4 D . -0.78 -7.89 17.31
O4 SO4 D . -0.48 -5.66 18.11
S SO4 E . -17.23 -5.08 8.50
O1 SO4 E . -17.73 -3.78 8.00
O2 SO4 E . -15.95 -5.34 7.83
O3 SO4 E . -18.24 -6.14 8.17
O4 SO4 E . -16.99 -5.07 9.99
S SO4 F . 11.15 -2.05 -13.06
O1 SO4 F . 12.08 -1.06 -13.66
O2 SO4 F . 11.73 -2.55 -11.79
O3 SO4 F . 9.83 -1.39 -12.83
O4 SO4 F . 10.93 -3.19 -13.99
#